data_2P1V
#
_entry.id   2P1V
#
_cell.length_a   64.148
_cell.length_b   64.148
_cell.length_c   113.153
_cell.angle_alpha   90.00
_cell.angle_beta   90.00
_cell.angle_gamma   90.00
#
_symmetry.space_group_name_H-M   'P 43 21 2'
#
loop_
_entity.id
_entity.type
_entity.pdbx_description
1 polymer 'Retinoic acid receptor RXR-alpha'
2 polymer 'Nuclear receptor coactivator 2 peptide'
3 non-polymer '(2E)-3-[4-HYDROXY-3-(5,5,8,8-TETRAMETHYL-3-PROPOXY-5,6,7,8-TETRAHYDRONAPHTHALEN-2-YL)PHENYL]ACRYLIC ACID'
4 water water
#
loop_
_entity_poly.entity_id
_entity_poly.type
_entity_poly.pdbx_seq_one_letter_code
_entity_poly.pdbx_strand_id
1 'polypeptide(L)'
;TSSANEDMPVERILEAELAVEPKTETYVEANMGLNPSSPNDPVTNICQAADKQLFTLVEWAKRIPHFSELPLDDQVILLR
AGWNELLIASFSHRSIAVKDGILLATGLHVHRNSAHSAGVGAIFDRVLTELVSKMRDMQMDKTELGCLRAIVLFNPDSKG
LSNPAEVEALREKVYASLEAYCKHKYPEQPGRFAKLLLRLPALRSIGLKCLEHLFFFKLIGDTPIDTFLMEMLEAPHQMT
;
A
2 'polypeptide(L)' KHKILHRLLQDSS B
#
loop_
_chem_comp.id
_chem_comp.type
_chem_comp.name
_chem_comp.formula
5TN non-polymer '(2E)-3-[4-HYDROXY-3-(5,5,8,8-TETRAMETHYL-3-PROPOXY-5,6,7,8-TETRAHYDRONAPHTHALEN-2-YL)PHENYL]ACRYLIC ACID' 'C26 H32 O4'
#
# COMPACT_ATOMS: atom_id res chain seq x y z
N ASP A 7 -21.15 -2.94 8.59
CA ASP A 7 -20.21 -2.65 9.73
C ASP A 7 -18.76 -2.83 9.32
N MET A 8 -17.86 -2.08 9.98
CA MET A 8 -16.44 -2.06 9.66
C MET A 8 -15.61 -1.78 10.93
N PRO A 9 -15.48 -2.79 11.83
CA PRO A 9 -14.73 -2.59 13.07
C PRO A 9 -13.22 -2.51 12.82
N VAL A 10 -12.56 -1.55 13.47
CA VAL A 10 -11.12 -1.34 13.32
C VAL A 10 -10.30 -2.51 13.87
N GLU A 11 -10.92 -3.29 14.76
CA GLU A 11 -10.32 -4.49 15.32
C GLU A 11 -9.97 -5.54 14.25
N ARG A 12 -10.87 -5.72 13.28
CA ARG A 12 -10.67 -6.68 12.18
C ARG A 12 -9.56 -6.17 11.24
N ILE A 13 -9.61 -4.88 10.95
CA ILE A 13 -8.57 -4.22 10.16
C ILE A 13 -7.19 -4.38 10.81
N LEU A 14 -7.10 -4.07 12.10
CA LEU A 14 -5.85 -4.29 12.85
C LEU A 14 -5.38 -5.74 12.79
N GLU A 15 -6.31 -6.69 13.00
CA GLU A 15 -6.03 -8.12 12.88
C GLU A 15 -5.44 -8.50 11.50
N ALA A 16 -5.96 -7.88 10.44
CA ALA A 16 -5.45 -8.10 9.09
C ALA A 16 -3.98 -7.70 8.96
N GLU A 17 -3.65 -6.52 9.49
CA GLU A 17 -2.27 -6.01 9.51
C GLU A 17 -1.33 -6.95 10.26
N LEU A 18 -1.73 -7.34 11.47
CA LEU A 18 -0.88 -8.18 12.32
C LEU A 18 -0.65 -9.57 11.74
N ALA A 19 -1.63 -10.07 10.99
CA ALA A 19 -1.57 -11.44 10.46
C ALA A 19 -0.59 -11.60 9.29
N VAL A 20 -0.26 -10.47 8.65
CA VAL A 20 0.67 -10.49 7.53
C VAL A 20 2.06 -9.92 7.88
N GLU A 21 2.35 -9.82 9.17
CA GLU A 21 3.67 -9.36 9.66
C GLU A 21 4.65 -10.52 9.83
N ASP A 41 22.40 -5.04 -7.08
CA ASP A 41 22.17 -3.65 -6.66
C ASP A 41 20.81 -3.51 -5.93
N PRO A 42 20.55 -2.33 -5.31
CA PRO A 42 19.32 -2.16 -4.53
C PRO A 42 18.00 -2.30 -5.31
N VAL A 43 17.98 -1.85 -6.57
CA VAL A 43 16.77 -1.92 -7.40
C VAL A 43 16.27 -3.38 -7.55
N THR A 44 17.19 -4.29 -7.83
CA THR A 44 16.91 -5.72 -7.85
C THR A 44 16.26 -6.20 -6.54
N ASN A 45 16.92 -5.91 -5.42
CA ASN A 45 16.42 -6.26 -4.09
C ASN A 45 15.07 -5.63 -3.78
N ILE A 46 14.84 -4.42 -4.30
CA ILE A 46 13.57 -3.71 -4.14
C ILE A 46 12.46 -4.41 -4.92
N CYS A 47 12.76 -4.81 -6.16
CA CYS A 47 11.79 -5.50 -7.02
C CYS A 47 11.44 -6.90 -6.51
N GLN A 48 12.40 -7.58 -5.89
CA GLN A 48 12.19 -8.89 -5.25
C GLN A 48 11.15 -8.76 -4.15
N ALA A 49 11.38 -7.78 -3.28
CA ALA A 49 10.50 -7.51 -2.15
C ALA A 49 9.07 -7.19 -2.62
N ALA A 50 8.95 -6.42 -3.69
CA ALA A 50 7.64 -6.00 -4.19
C ALA A 50 6.85 -7.21 -4.65
N ASP A 51 7.50 -8.06 -5.45
CA ASP A 51 6.91 -9.30 -5.94
C ASP A 51 6.47 -10.18 -4.78
N LYS A 52 7.39 -10.42 -3.86
CA LYS A 52 7.16 -11.15 -2.61
C LYS A 52 5.91 -10.68 -1.87
N GLN A 53 5.76 -9.36 -1.78
CA GLN A 53 4.68 -8.76 -0.99
C GLN A 53 3.32 -8.77 -1.69
N LEU A 54 3.35 -8.89 -3.01
CA LEU A 54 2.13 -9.08 -3.79
C LEU A 54 1.34 -10.34 -3.37
N PHE A 55 2.05 -11.43 -3.09
CA PHE A 55 1.37 -12.65 -2.59
C PHE A 55 0.72 -12.39 -1.24
N THR A 56 1.47 -11.69 -0.37
CA THR A 56 1.01 -11.34 0.97
C THR A 56 -0.20 -10.39 0.93
N LEU A 57 -0.24 -9.52 -0.08
CA LEU A 57 -1.28 -8.49 -0.20
C LEU A 57 -2.66 -9.07 -0.43
N VAL A 58 -2.73 -10.09 -1.29
CA VAL A 58 -3.97 -10.83 -1.54
C VAL A 58 -4.51 -11.39 -0.22
N GLU A 59 -3.63 -11.95 0.61
CA GLU A 59 -4.02 -12.48 1.92
C GLU A 59 -4.55 -11.41 2.85
N TRP A 60 -3.91 -10.25 2.85
CA TRP A 60 -4.34 -9.09 3.64
C TRP A 60 -5.75 -8.63 3.25
N ALA A 61 -5.96 -8.41 1.95
CA ALA A 61 -7.23 -7.95 1.40
C ALA A 61 -8.42 -8.85 1.74
N LYS A 62 -8.21 -10.17 1.70
CA LYS A 62 -9.25 -11.14 2.06
C LYS A 62 -9.67 -11.04 3.52
N ARG A 63 -8.77 -10.53 4.37
CA ARG A 63 -9.04 -10.35 5.81
C ARG A 63 -9.69 -9.00 6.13
N ILE A 64 -9.76 -8.12 5.14
CA ILE A 64 -10.45 -6.84 5.29
C ILE A 64 -11.97 -7.07 5.11
N PRO A 65 -12.76 -6.74 6.14
CA PRO A 65 -14.22 -7.01 6.13
C PRO A 65 -14.88 -6.63 4.81
N HIS A 66 -15.70 -7.54 4.28
CA HIS A 66 -16.54 -7.33 3.08
C HIS A 66 -15.82 -7.39 1.73
N PHE A 67 -14.50 -7.43 1.71
CA PHE A 67 -13.77 -7.47 0.43
C PHE A 67 -14.00 -8.77 -0.33
N SER A 68 -13.95 -9.90 0.38
CA SER A 68 -14.14 -11.20 -0.25
C SER A 68 -15.55 -11.43 -0.78
N GLU A 69 -16.52 -10.67 -0.28
CA GLU A 69 -17.92 -10.82 -0.71
C GLU A 69 -18.20 -10.07 -2.00
N LEU A 70 -17.32 -9.12 -2.36
CA LEU A 70 -17.41 -8.41 -3.63
C LEU A 70 -17.18 -9.38 -4.79
N PRO A 71 -17.79 -9.12 -5.97
CA PRO A 71 -17.56 -9.92 -7.19
C PRO A 71 -16.07 -10.11 -7.46
N LEU A 72 -15.70 -11.32 -7.87
CA LEU A 72 -14.30 -11.64 -8.13
C LEU A 72 -13.64 -10.66 -9.11
N ASP A 73 -14.35 -10.27 -10.17
CA ASP A 73 -13.84 -9.32 -11.14
C ASP A 73 -13.54 -7.97 -10.49
N ASP A 74 -14.37 -7.54 -9.55
CA ASP A 74 -14.17 -6.29 -8.82
C ASP A 74 -13.01 -6.36 -7.84
N GLN A 75 -12.84 -7.50 -7.17
CA GLN A 75 -11.70 -7.75 -6.30
C GLN A 75 -10.40 -7.65 -7.11
N VAL A 76 -10.45 -8.15 -8.35
CA VAL A 76 -9.32 -8.06 -9.27
C VAL A 76 -9.01 -6.61 -9.66
N ILE A 77 -10.04 -5.85 -10.03
CA ILE A 77 -9.90 -4.42 -10.35
C ILE A 77 -9.30 -3.62 -9.19
N LEU A 78 -9.81 -3.83 -7.97
CA LEU A 78 -9.33 -3.08 -6.80
C LEU A 78 -7.87 -3.35 -6.46
N LEU A 79 -7.47 -4.62 -6.56
CA LEU A 79 -6.09 -5.01 -6.25
C LEU A 79 -5.11 -4.58 -7.33
N ARG A 80 -5.54 -4.61 -8.59
CA ARG A 80 -4.74 -4.10 -9.69
C ARG A 80 -4.60 -2.56 -9.66
N ALA A 81 -5.64 -1.87 -9.21
CA ALA A 81 -5.59 -0.42 -9.06
C ALA A 81 -4.77 0.03 -7.85
N GLY A 82 -4.83 -0.73 -6.76
CA GLY A 82 -4.26 -0.26 -5.50
C GLY A 82 -2.94 -0.84 -5.03
N TRP A 83 -2.50 -1.96 -5.63
CA TRP A 83 -1.37 -2.74 -5.09
C TRP A 83 -0.12 -1.93 -4.72
N ASN A 84 0.30 -1.07 -5.64
CA ASN A 84 1.49 -0.28 -5.41
C ASN A 84 1.37 0.64 -4.19
N GLU A 85 0.29 1.42 -4.12
CA GLU A 85 0.07 2.32 -2.98
C GLU A 85 -0.05 1.54 -1.68
N LEU A 86 -0.70 0.37 -1.76
CA LEU A 86 -0.88 -0.48 -0.59
C LEU A 86 0.46 -1.00 -0.08
N LEU A 87 1.32 -1.39 -1.03
CA LEU A 87 2.63 -1.89 -0.66
C LEU A 87 3.59 -0.80 -0.19
N ILE A 88 3.50 0.40 -0.79
CA ILE A 88 4.32 1.53 -0.37
C ILE A 88 3.98 1.98 1.06
N ALA A 89 2.70 2.09 1.36
CA ALA A 89 2.23 2.41 2.73
C ALA A 89 2.82 1.46 3.78
N SER A 90 2.79 0.16 3.49
CA SER A 90 3.29 -0.84 4.43
C SER A 90 4.80 -0.75 4.69
N PHE A 91 5.59 -0.62 3.62
CA PHE A 91 7.03 -0.54 3.85
C PHE A 91 7.45 0.80 4.45
N SER A 92 6.67 1.84 4.21
CA SER A 92 6.94 3.15 4.82
C SER A 92 6.71 3.12 6.33
N HIS A 93 5.60 2.53 6.77
CA HIS A 93 5.33 2.41 8.19
C HIS A 93 6.35 1.49 8.87
N ARG A 94 6.71 0.40 8.19
CA ARG A 94 7.74 -0.52 8.66
C ARG A 94 9.08 0.16 8.89
N SER A 95 9.33 1.26 8.16
CA SER A 95 10.62 1.97 8.17
C SER A 95 10.76 3.11 9.18
N ILE A 96 9.74 3.31 10.01
CA ILE A 96 9.68 4.39 10.98
C ILE A 96 10.86 4.47 11.97
N ALA A 97 11.45 3.33 12.33
CA ALA A 97 12.60 3.30 13.24
C ALA A 97 13.93 3.35 12.50
N VAL A 98 13.87 3.44 11.18
CA VAL A 98 15.06 3.37 10.35
C VAL A 98 15.53 4.79 10.08
N LYS A 99 16.81 5.04 10.34
CA LYS A 99 17.36 6.36 10.08
C LYS A 99 17.77 6.46 8.60
N ASP A 100 17.18 7.43 7.90
CA ASP A 100 17.46 7.73 6.50
C ASP A 100 17.43 6.51 5.57
N GLY A 101 16.53 5.58 5.84
CA GLY A 101 16.43 4.37 5.04
C GLY A 101 15.07 3.72 5.13
N ILE A 102 14.95 2.58 4.46
CA ILE A 102 13.74 1.77 4.52
C ILE A 102 14.12 0.33 4.85
N LEU A 103 13.16 -0.39 5.41
CA LEU A 103 13.29 -1.83 5.64
C LEU A 103 12.41 -2.60 4.66
N LEU A 104 13.06 -3.39 3.81
CA LEU A 104 12.32 -4.25 2.90
C LEU A 104 11.74 -5.46 3.65
N ALA A 105 10.66 -6.00 3.12
CA ALA A 105 9.99 -7.15 3.71
C ALA A 105 10.90 -8.38 3.71
N THR A 106 11.91 -8.36 2.84
CA THR A 106 12.94 -9.40 2.79
C THR A 106 13.96 -9.33 3.93
N GLY A 107 13.84 -8.30 4.77
CA GLY A 107 14.80 -8.08 5.87
C GLY A 107 15.97 -7.16 5.54
N LEU A 108 16.05 -6.72 4.30
CA LEU A 108 17.12 -5.82 3.86
C LEU A 108 16.81 -4.36 4.24
N HIS A 109 17.78 -3.69 4.86
CA HIS A 109 17.73 -2.25 5.07
C HIS A 109 18.39 -1.51 3.90
N VAL A 110 17.63 -0.66 3.20
CA VAL A 110 18.20 0.12 2.11
C VAL A 110 18.39 1.58 2.55
N HIS A 111 19.64 2.04 2.53
CA HIS A 111 19.95 3.40 2.93
C HIS A 111 19.88 4.37 1.75
N ARG A 112 19.46 5.58 2.08
CA ARG A 112 19.49 6.76 1.24
C ARG A 112 20.69 6.88 0.30
N ASN A 113 21.91 6.70 0.84
CA ASN A 113 23.13 6.74 0.03
C ASN A 113 23.14 5.73 -1.12
N SER A 114 22.64 4.53 -0.83
CA SER A 114 22.61 3.44 -1.79
C SER A 114 21.59 3.72 -2.89
N ALA A 115 20.48 4.36 -2.52
CA ALA A 115 19.49 4.78 -3.49
C ALA A 115 20.07 5.85 -4.43
N HIS A 116 20.67 6.89 -3.88
CA HIS A 116 21.29 7.94 -4.70
C HIS A 116 22.33 7.39 -5.69
N SER A 117 23.20 6.53 -5.19
CA SER A 117 24.28 6.00 -6.02
C SER A 117 23.79 4.93 -7.01
N ALA A 118 22.49 4.62 -6.97
CA ALA A 118 21.86 3.72 -7.93
C ALA A 118 20.95 4.46 -8.90
N GLY A 119 20.97 5.79 -8.85
CA GLY A 119 20.25 6.61 -9.82
C GLY A 119 18.80 6.91 -9.48
N VAL A 120 18.36 6.51 -8.28
CA VAL A 120 16.97 6.70 -7.85
C VAL A 120 16.84 7.52 -6.54
N GLY A 121 17.81 8.40 -6.30
CA GLY A 121 17.89 9.23 -5.09
C GLY A 121 16.71 10.14 -4.81
N ALA A 122 16.31 10.94 -5.79
CA ALA A 122 15.19 11.87 -5.64
C ALA A 122 13.89 11.19 -5.19
N ILE A 123 13.46 10.14 -5.89
CA ILE A 123 12.21 9.45 -5.51
C ILE A 123 12.32 8.81 -4.11
N PHE A 124 13.49 8.23 -3.80
CA PHE A 124 13.77 7.66 -2.48
C PHE A 124 13.58 8.69 -1.37
N ASP A 125 14.13 9.89 -1.56
CA ASP A 125 13.98 10.98 -0.61
C ASP A 125 12.55 11.43 -0.44
N ARG A 126 11.75 11.40 -1.53
CA ARG A 126 10.32 11.71 -1.45
C ARG A 126 9.63 10.77 -0.47
N VAL A 127 9.94 9.48 -0.56
CA VAL A 127 9.32 8.51 0.33
C VAL A 127 9.69 8.83 1.78
N LEU A 128 10.97 9.10 2.02
CA LEU A 128 11.46 9.40 3.36
C LEU A 128 10.82 10.64 3.96
N THR A 129 10.74 11.72 3.20
CA THR A 129 10.26 12.99 3.72
C THR A 129 8.73 13.10 3.72
N GLU A 130 8.07 12.57 2.68
CA GLU A 130 6.61 12.71 2.58
C GLU A 130 5.84 11.57 3.24
N LEU A 131 6.48 10.41 3.42
CA LEU A 131 5.79 9.29 4.04
C LEU A 131 6.40 8.82 5.37
N VAL A 132 7.61 8.21 5.33
CA VAL A 132 8.24 7.62 6.51
C VAL A 132 8.35 8.62 7.67
N SER A 133 8.92 9.80 7.39
CA SER A 133 9.11 10.84 8.40
C SER A 133 7.83 11.40 8.97
N LYS A 134 6.81 11.53 8.14
CA LYS A 134 5.49 12.00 8.60
C LYS A 134 4.81 10.96 9.47
N MET A 135 4.90 9.69 9.09
CA MET A 135 4.39 8.60 9.92
C MET A 135 5.10 8.55 11.27
N ARG A 136 6.41 8.81 11.27
CA ARG A 136 7.20 8.82 12.49
C ARG A 136 6.87 10.00 13.40
N ASP A 137 6.85 11.21 12.84
CA ASP A 137 6.56 12.42 13.62
C ASP A 137 5.17 12.43 14.28
N MET A 138 4.20 11.73 13.68
CA MET A 138 2.87 11.64 14.28
C MET A 138 2.62 10.32 15.03
N GLN A 139 3.63 9.44 15.04
CA GLN A 139 3.47 8.10 15.63
C GLN A 139 2.22 7.39 15.10
N MET A 140 2.05 7.39 13.77
CA MET A 140 0.96 6.64 13.14
C MET A 140 0.97 5.20 13.65
N ASP A 141 -0.16 4.74 14.18
CA ASP A 141 -0.22 3.38 14.70
C ASP A 141 -0.72 2.41 13.63
N LYS A 142 -0.70 1.12 13.96
CA LYS A 142 -1.03 0.06 13.00
C LYS A 142 -2.51 0.00 12.62
N THR A 143 -3.37 0.47 13.51
CA THR A 143 -4.81 0.51 13.21
C THR A 143 -5.07 1.59 12.16
N GLU A 144 -4.39 2.72 12.36
CA GLU A 144 -4.44 3.84 11.43
C GLU A 144 -3.89 3.52 10.03
N LEU A 145 -2.72 2.88 9.99
CA LEU A 145 -2.14 2.36 8.75
C LEU A 145 -3.12 1.41 8.06
N GLY A 146 -3.69 0.48 8.83
CA GLY A 146 -4.63 -0.49 8.28
C GLY A 146 -5.86 0.13 7.66
N CYS A 147 -6.41 1.15 8.32
CA CYS A 147 -7.56 1.90 7.82
C CYS A 147 -7.26 2.69 6.54
N LEU A 148 -6.14 3.40 6.54
CA LEU A 148 -5.72 4.15 5.35
C LEU A 148 -5.57 3.20 4.14
N ARG A 149 -4.99 2.03 4.38
CA ARG A 149 -4.82 1.01 3.34
C ARG A 149 -6.17 0.47 2.86
N ALA A 150 -7.08 0.20 3.80
CA ALA A 150 -8.43 -0.27 3.44
C ALA A 150 -9.16 0.78 2.61
N ILE A 151 -8.99 2.05 2.98
CA ILE A 151 -9.52 3.18 2.19
C ILE A 151 -8.94 3.19 0.78
N VAL A 152 -7.62 2.99 0.68
CA VAL A 152 -6.96 2.86 -0.64
C VAL A 152 -7.52 1.67 -1.41
N LEU A 153 -7.65 0.53 -0.73
CA LEU A 153 -8.22 -0.67 -1.34
C LEU A 153 -9.60 -0.43 -1.95
N PHE A 154 -10.51 0.16 -1.17
CA PHE A 154 -11.89 0.42 -1.59
C PHE A 154 -11.95 1.74 -2.35
N ASN A 155 -11.31 1.74 -3.51
CA ASN A 155 -11.24 2.91 -4.36
C ASN A 155 -12.35 2.88 -5.41
N PRO A 156 -13.36 3.77 -5.28
CA PRO A 156 -14.51 3.70 -6.19
C PRO A 156 -14.27 4.37 -7.55
N ASP A 157 -13.08 4.94 -7.74
CA ASP A 157 -12.72 5.58 -8.99
C ASP A 157 -12.11 4.58 -9.96
N SER A 158 -11.71 3.42 -9.44
CA SER A 158 -11.19 2.29 -10.24
C SER A 158 -12.07 2.00 -11.45
N LYS A 159 -11.46 1.95 -12.63
CA LYS A 159 -12.20 1.77 -13.89
C LYS A 159 -12.70 0.34 -14.05
N GLY A 160 -13.93 0.19 -14.54
CA GLY A 160 -14.48 -1.11 -14.89
C GLY A 160 -15.29 -1.81 -13.80
N LEU A 161 -15.33 -1.22 -12.60
CA LEU A 161 -16.14 -1.72 -11.48
C LEU A 161 -17.61 -1.93 -11.88
N SER A 162 -18.20 -3.03 -11.41
CA SER A 162 -19.59 -3.34 -11.76
C SER A 162 -20.57 -2.58 -10.86
N ASN A 163 -20.11 -2.21 -9.66
CA ASN A 163 -20.90 -1.37 -8.76
C ASN A 163 -20.02 -0.44 -7.91
N PRO A 164 -19.61 0.71 -8.49
CA PRO A 164 -18.79 1.69 -7.75
C PRO A 164 -19.43 2.14 -6.44
N ALA A 165 -20.77 2.23 -6.43
CA ALA A 165 -21.54 2.65 -5.25
C ALA A 165 -21.32 1.74 -4.03
N GLU A 166 -21.20 0.44 -4.27
CA GLU A 166 -20.91 -0.55 -3.22
C GLU A 166 -19.50 -0.33 -2.64
N VAL A 167 -18.54 -0.05 -3.52
CA VAL A 167 -17.14 0.17 -3.11
C VAL A 167 -17.04 1.48 -2.32
N GLU A 168 -17.65 2.54 -2.84
CA GLU A 168 -17.77 3.81 -2.13
C GLU A 168 -18.34 3.62 -0.72
N ALA A 169 -19.43 2.86 -0.59
CA ALA A 169 -20.06 2.56 0.70
C ALA A 169 -19.08 1.93 1.69
N LEU A 170 -18.25 1.02 1.20
CA LEU A 170 -17.23 0.38 2.04
C LEU A 170 -16.14 1.35 2.45
N ARG A 171 -15.73 2.21 1.52
CA ARG A 171 -14.76 3.28 1.81
C ARG A 171 -15.29 4.20 2.92
N GLU A 172 -16.57 4.61 2.82
CA GLU A 172 -17.20 5.49 3.81
C GLU A 172 -17.21 4.85 5.20
N LYS A 173 -17.53 3.57 5.25
CA LYS A 173 -17.52 2.82 6.52
C LYS A 173 -16.13 2.78 7.16
N VAL A 174 -15.10 2.52 6.36
CA VAL A 174 -13.73 2.56 6.84
C VAL A 174 -13.38 3.92 7.47
N TYR A 175 -13.68 5.01 6.77
CA TYR A 175 -13.30 6.30 7.31
C TYR A 175 -14.20 6.85 8.42
N ALA A 176 -15.43 6.36 8.50
CA ALA A 176 -16.25 6.62 9.70
C ALA A 176 -15.60 5.95 10.92
N SER A 177 -15.20 4.70 10.78
CA SER A 177 -14.56 3.96 11.88
C SER A 177 -13.21 4.53 12.30
N LEU A 178 -12.39 4.92 11.31
CA LEU A 178 -11.10 5.54 11.59
C LEU A 178 -11.27 6.84 12.36
N GLU A 179 -12.19 7.69 11.89
CA GLU A 179 -12.48 8.93 12.59
C GLU A 179 -12.88 8.67 14.04
N ALA A 180 -13.85 7.77 14.25
CA ALA A 180 -14.24 7.42 15.61
C ALA A 180 -13.06 6.90 16.42
N TYR A 181 -12.18 6.13 15.77
CA TYR A 181 -10.99 5.59 16.45
C TYR A 181 -10.00 6.68 16.85
N CYS A 182 -9.85 7.69 16.00
CA CYS A 182 -8.96 8.81 16.29
C CYS A 182 -9.50 9.73 17.39
N LYS A 183 -10.79 10.05 17.34
CA LYS A 183 -11.43 10.87 18.38
C LYS A 183 -11.29 10.23 19.76
N HIS A 184 -11.27 8.90 19.79
CA HIS A 184 -11.28 8.14 21.05
C HIS A 184 -9.90 7.88 21.62
N LYS A 185 -8.95 7.53 20.75
CA LYS A 185 -7.61 7.15 21.15
C LYS A 185 -6.68 8.36 21.29
N TYR A 186 -6.92 9.38 20.47
CA TYR A 186 -6.12 10.61 20.50
C TYR A 186 -7.03 11.83 20.61
N PRO A 187 -7.77 11.95 21.75
CA PRO A 187 -8.73 13.06 21.85
C PRO A 187 -8.09 14.45 21.86
N GLU A 188 -6.83 14.54 22.29
CA GLU A 188 -6.07 15.81 22.33
C GLU A 188 -5.53 16.26 20.96
N GLN A 189 -5.72 15.44 19.93
CA GLN A 189 -5.32 15.77 18.56
C GLN A 189 -6.52 15.82 17.63
N PRO A 190 -7.30 16.92 17.65
CA PRO A 190 -8.50 17.03 16.80
C PRO A 190 -8.24 17.06 15.29
N GLY A 191 -7.02 17.39 14.88
CA GLY A 191 -6.69 17.40 13.46
C GLY A 191 -6.09 16.11 12.93
N ARG A 192 -5.99 15.08 13.78
CA ARG A 192 -5.27 13.84 13.41
C ARG A 192 -5.87 13.08 12.23
N PHE A 193 -7.20 12.97 12.22
CA PHE A 193 -7.96 12.30 11.16
C PHE A 193 -7.68 12.94 9.80
N ALA A 194 -7.81 14.26 9.73
CA ALA A 194 -7.49 15.01 8.52
C ALA A 194 -6.03 14.83 8.10
N LYS A 195 -5.12 14.87 9.08
CA LYS A 195 -3.69 14.68 8.83
C LYS A 195 -3.41 13.32 8.17
N LEU A 196 -4.09 12.28 8.64
CA LEU A 196 -3.97 10.94 8.10
C LEU A 196 -4.41 10.89 6.65
N LEU A 197 -5.62 11.38 6.37
CA LEU A 197 -6.17 11.39 5.02
C LEU A 197 -5.30 12.19 4.03
N LEU A 198 -4.67 13.24 4.53
CA LEU A 198 -3.85 14.12 3.69
C LEU A 198 -2.46 13.57 3.35
N ARG A 199 -2.12 12.38 3.86
CA ARG A 199 -0.98 11.64 3.31
C ARG A 199 -1.35 10.90 2.02
N LEU A 200 -2.65 10.68 1.77
CA LEU A 200 -3.06 9.96 0.56
C LEU A 200 -2.69 10.61 -0.81
N PRO A 201 -2.73 11.94 -0.92
CA PRO A 201 -2.20 12.51 -2.17
C PRO A 201 -0.69 12.30 -2.37
N ALA A 202 0.11 12.38 -1.31
CA ALA A 202 1.53 12.05 -1.42
C ALA A 202 1.72 10.61 -1.86
N LEU A 203 0.97 9.70 -1.27
CA LEU A 203 1.06 8.28 -1.62
C LEU A 203 0.72 8.03 -3.10
N ARG A 204 -0.38 8.59 -3.57
CA ARG A 204 -0.79 8.49 -4.98
C ARG A 204 0.36 8.89 -5.91
N SER A 205 0.90 10.07 -5.67
CA SER A 205 1.97 10.63 -6.48
C SER A 205 3.22 9.74 -6.49
N ILE A 206 3.64 9.32 -5.29
CA ILE A 206 4.81 8.44 -5.15
C ILE A 206 4.59 7.06 -5.81
N GLY A 207 3.39 6.50 -5.64
CA GLY A 207 3.01 5.26 -6.32
C GLY A 207 3.18 5.34 -7.83
N LEU A 208 2.73 6.45 -8.41
CA LEU A 208 2.78 6.65 -9.86
C LEU A 208 4.22 6.81 -10.37
N LYS A 209 5.05 7.48 -9.57
CA LYS A 209 6.48 7.63 -9.89
C LYS A 209 7.27 6.30 -9.81
N CYS A 210 7.00 5.48 -8.79
CA CYS A 210 7.64 4.17 -8.67
C CYS A 210 7.25 3.25 -9.83
N LEU A 211 5.97 3.31 -10.22
CA LEU A 211 5.47 2.54 -11.35
C LEU A 211 6.17 2.96 -12.65
N GLU A 212 6.33 4.27 -12.86
CA GLU A 212 7.09 4.79 -14.00
C GLU A 212 8.47 4.19 -14.07
N HIS A 213 9.13 4.13 -12.90
CA HIS A 213 10.49 3.58 -12.81
C HIS A 213 10.52 2.11 -13.17
N LEU A 214 9.54 1.35 -12.67
CA LEU A 214 9.47 -0.08 -12.95
C LEU A 214 9.33 -0.35 -14.44
N PHE A 215 8.40 0.34 -15.10
CA PHE A 215 8.26 0.26 -16.55
C PHE A 215 9.58 0.52 -17.27
N PHE A 216 10.35 1.50 -16.81
CA PHE A 216 11.69 1.77 -17.36
C PHE A 216 12.68 0.64 -17.09
N PHE A 217 12.66 0.06 -15.90
CA PHE A 217 13.55 -1.06 -15.57
C PHE A 217 13.24 -2.22 -16.51
N LYS A 218 11.95 -2.44 -16.76
CA LYS A 218 11.51 -3.47 -17.69
C LYS A 218 12.01 -3.18 -19.10
N LEU A 219 11.82 -1.94 -19.56
CA LEU A 219 12.24 -1.54 -20.90
C LEU A 219 13.73 -1.78 -21.14
N ILE A 220 14.57 -1.32 -20.21
CA ILE A 220 16.03 -1.50 -20.31
C ILE A 220 16.42 -2.98 -20.27
N GLY A 221 15.75 -3.74 -19.41
CA GLY A 221 15.85 -5.20 -19.44
C GLY A 221 16.97 -5.83 -18.64
N ASP A 222 17.68 -5.01 -17.87
CA ASP A 222 18.79 -5.49 -17.04
C ASP A 222 18.33 -6.02 -15.69
N THR A 223 17.24 -5.47 -15.17
CA THR A 223 16.73 -5.82 -13.83
C THR A 223 15.78 -7.01 -13.91
N PRO A 224 16.03 -8.05 -13.08
CA PRO A 224 15.14 -9.20 -13.01
C PRO A 224 13.80 -8.79 -12.41
N ILE A 225 12.73 -9.09 -13.11
CA ILE A 225 11.38 -8.78 -12.65
C ILE A 225 10.55 -10.07 -12.63
N ASP A 226 10.15 -10.50 -11.44
CA ASP A 226 9.48 -11.77 -11.25
C ASP A 226 8.02 -11.75 -11.70
N THR A 227 7.40 -12.93 -11.71
CA THR A 227 6.14 -13.17 -12.41
C THR A 227 4.92 -12.36 -11.94
N PHE A 228 4.74 -12.20 -10.64
CA PHE A 228 3.55 -11.49 -10.15
C PHE A 228 3.69 -10.00 -10.46
N LEU A 229 4.91 -9.48 -10.28
CA LEU A 229 5.25 -8.10 -10.66
C LEU A 229 5.04 -7.85 -12.16
N MET A 230 5.46 -8.81 -12.99
CA MET A 230 5.24 -8.76 -14.44
C MET A 230 3.76 -8.71 -14.82
N GLU A 231 2.96 -9.51 -14.14
CA GLU A 231 1.53 -9.58 -14.42
C GLU A 231 0.81 -8.26 -14.09
N MET A 232 1.25 -7.60 -13.02
CA MET A 232 0.72 -6.29 -12.67
C MET A 232 1.03 -5.27 -13.77
N LEU A 233 2.18 -5.44 -14.42
CA LEU A 233 2.62 -4.56 -15.51
C LEU A 233 1.98 -4.84 -16.87
N GLU A 234 1.02 -5.76 -16.93
CA GLU A 234 0.33 -6.02 -18.19
C GLU A 234 -0.93 -5.18 -18.29
N ALA A 235 -1.36 -4.91 -19.52
CA ALA A 235 -2.54 -4.09 -19.78
C ALA A 235 -3.83 -4.75 -19.26
N PRO A 236 -4.87 -3.94 -18.95
CA PRO A 236 -6.17 -4.49 -18.56
C PRO A 236 -7.06 -4.81 -19.76
N HIS B 2 -4.93 -12.17 -16.29
CA HIS B 2 -4.34 -11.94 -14.94
C HIS B 2 -4.42 -13.23 -14.13
N LYS B 3 -3.68 -14.24 -14.56
CA LYS B 3 -3.89 -15.59 -14.03
C LYS B 3 -3.49 -15.78 -12.56
N ILE B 4 -2.33 -15.23 -12.16
CA ILE B 4 -1.85 -15.40 -10.79
C ILE B 4 -2.85 -14.81 -9.78
N LEU B 5 -3.23 -13.55 -9.98
CA LEU B 5 -4.18 -12.89 -9.06
C LEU B 5 -5.51 -13.62 -8.97
N HIS B 6 -6.09 -14.01 -10.11
CA HIS B 6 -7.33 -14.79 -10.15
C HIS B 6 -7.23 -16.07 -9.33
N ARG B 7 -6.11 -16.77 -9.47
CA ARG B 7 -5.88 -18.04 -8.80
C ARG B 7 -5.81 -17.87 -7.28
N LEU B 8 -5.13 -16.81 -6.83
CA LEU B 8 -4.96 -16.56 -5.40
C LEU B 8 -6.23 -16.05 -4.75
N LEU B 9 -7.00 -15.24 -5.48
CA LEU B 9 -8.30 -14.76 -5.00
C LEU B 9 -9.34 -15.86 -4.95
N GLN B 10 -9.18 -16.84 -5.84
CA GLN B 10 -10.05 -18.02 -5.88
C GLN B 10 -9.90 -18.81 -4.58
N ASP B 11 -8.64 -19.03 -4.17
CA ASP B 11 -8.25 -19.70 -2.90
C ASP B 11 -7.42 -20.96 -3.14
CAA 5TN C . 7.35 -2.09 -8.02
CAP 5TN C . 8.84 -2.39 -8.27
CAQ 5TN C . 9.70 -1.17 -7.94
OAT 5TN C . 9.00 -0.60 -6.80
CAX 5TN C . 9.69 0.31 -6.04
CAN 5TN C . 10.65 1.15 -6.61
CBA 5TN C . 11.35 2.08 -5.86
CBC 5TN C . 12.41 2.96 -6.57
CAB 5TN C . 13.61 2.07 -6.94
CAC 5TN C . 11.82 3.60 -7.83
CAR 5TN C . 12.87 4.09 -5.68
CAS 5TN C . 13.12 3.64 -4.26
CBD 5TN C . 11.84 3.19 -3.58
CAD 5TN C . 10.93 4.39 -3.34
CAE 5TN C . 12.20 2.54 -2.25
CBB 5TN C . 11.09 2.17 -4.48
CAO 5TN C . 10.11 1.33 -3.92
CAZ 5TN C . 9.40 0.40 -4.69
CAY 5TN C . 8.45 -0.46 -4.11
CAM 5TN C . 8.88 -1.30 -3.09
CAW 5TN C . 7.13 -0.52 -4.54
OAH 5TN C . 6.69 0.29 -5.55
CAL 5TN C . 6.24 -1.42 -3.93
CAK 5TN C . 6.67 -2.26 -2.90
CAV 5TN C . 8.01 -2.21 -2.46
CAJ 5TN C . 8.50 -3.01 -1.41
CAI 5TN C . 7.73 -3.45 -0.33
CAU 5TN C . 8.22 -4.21 0.74
OAG 5TN C . 7.41 -4.50 1.62
OAF 5TN C . 9.43 -4.56 0.79
#